data_7KGJ
#
_entry.id   7KGJ
#
_cell.length_a   62.552
_cell.length_b   62.552
_cell.length_c   168.815
_cell.angle_alpha   90.000
_cell.angle_beta   90.000
_cell.angle_gamma   120.000
#
_symmetry.space_group_name_H-M   'P 32 2 1'
#
loop_
_entity.id
_entity.type
_entity.pdbx_description
1 polymer 'Spike glycoprotein'
2 polymer 'Sb45, Sybody-45, Synthetic Nanobody'
3 water water
#
loop_
_entity_poly.entity_id
_entity_poly.type
_entity_poly.pdbx_seq_one_letter_code
_entity_poly.pdbx_strand_id
1 'polypeptide(L)'
;TNLCPFGEVFNATRFASVYAWNRKRISNCVADYSVLYNSASFSTFKCYGVSPTKLNDLCFTNVYADSFVIRGDEVRQIAP
GQTGKIADYNYKLPDDFTGCVIAWNSNNLDSKVGGNYNYLYRLFRKSNLKPFERDISTEIYQAGSTPCNGVEGFNCYFPL
QSYGFQPTNGVGYQPYRVVVLSFELLHAPATVCGPK
;
A
2 'polypeptide(L)'
;QVQLVESGGGLVQAGGSLRLSCAASGFPVYRDRMAWYRQAPGKEREWVAAIYSAGQQTRYADSVKGRFTISRDNAKNTVY
LQMNSLKPEDTAVYYCNVKDVGHHYEYYDYWGQGTQVTVSA
;
B
#
# COMPACT_ATOMS: atom_id res chain seq x y z
N THR A 1 -14.87 -34.17 -10.02
CA THR A 1 -14.59 -33.85 -8.61
C THR A 1 -14.74 -32.36 -8.34
N ASN A 2 -15.59 -31.70 -9.13
CA ASN A 2 -15.84 -30.26 -9.12
C ASN A 2 -14.74 -29.51 -9.87
N LEU A 3 -15.13 -28.48 -10.61
CA LEU A 3 -14.16 -27.63 -11.29
C LEU A 3 -13.40 -26.79 -10.27
N CYS A 4 -12.12 -26.53 -10.55
CA CYS A 4 -11.34 -25.70 -9.66
C CYS A 4 -11.89 -24.27 -9.69
N PRO A 5 -11.99 -23.63 -8.54
CA PRO A 5 -12.65 -22.31 -8.45
C PRO A 5 -11.72 -21.16 -8.83
N PHE A 6 -11.27 -21.17 -10.09
CA PHE A 6 -10.41 -20.10 -10.55
C PHE A 6 -11.14 -18.76 -10.58
N GLY A 7 -12.44 -18.76 -10.88
CA GLY A 7 -13.18 -17.51 -10.90
C GLY A 7 -13.23 -16.82 -9.56
N GLU A 8 -13.29 -17.60 -8.47
CA GLU A 8 -13.17 -17.05 -7.13
C GLU A 8 -11.90 -16.23 -6.96
N VAL A 9 -10.83 -16.57 -7.69
CA VAL A 9 -9.56 -15.85 -7.60
C VAL A 9 -9.48 -14.72 -8.62
N PHE A 10 -9.79 -15.03 -9.87
CA PHE A 10 -9.58 -14.08 -10.97
C PHE A 10 -10.64 -13.00 -11.03
N ASN A 11 -11.85 -13.28 -10.54
CA ASN A 11 -12.96 -12.33 -10.61
C ASN A 11 -13.39 -11.86 -9.23
N ALA A 12 -12.50 -11.97 -8.24
CA ALA A 12 -12.79 -11.43 -6.92
C ALA A 12 -13.04 -9.94 -7.01
N THR A 13 -14.06 -9.47 -6.30
CA THR A 13 -14.35 -8.03 -6.31
C THR A 13 -13.21 -7.24 -5.68
N ARG A 14 -12.61 -7.77 -4.62
CA ARG A 14 -11.58 -7.09 -3.87
C ARG A 14 -10.26 -7.85 -4.01
N PHE A 15 -9.22 -7.16 -4.47
CA PHE A 15 -7.86 -7.69 -4.48
C PHE A 15 -7.05 -7.07 -3.35
N ALA A 16 -6.04 -7.82 -2.93
CA ALA A 16 -5.15 -7.40 -1.85
C ALA A 16 -4.12 -6.40 -2.33
N SER A 17 -3.63 -5.60 -1.38
CA SER A 17 -2.38 -4.87 -1.59
C SER A 17 -1.23 -5.86 -1.63
N VAL A 18 -0.23 -5.57 -2.46
CA VAL A 18 0.86 -6.52 -2.68
C VAL A 18 1.59 -6.83 -1.39
N TYR A 19 1.75 -5.84 -0.51
CA TYR A 19 2.46 -6.08 0.74
C TYR A 19 1.76 -7.16 1.57
N ALA A 20 0.43 -7.17 1.53
CA ALA A 20 -0.36 -8.18 2.21
C ALA A 20 -0.97 -9.14 1.19
N TRP A 21 -0.16 -9.61 0.25
CA TRP A 21 -0.67 -10.39 -0.87
C TRP A 21 -1.44 -11.62 -0.40
N ASN A 22 -2.47 -11.98 -1.16
CA ASN A 22 -3.38 -13.04 -0.75
C ASN A 22 -2.97 -14.38 -1.34
N ARG A 23 -3.17 -15.45 -0.58
CA ARG A 23 -2.89 -16.80 -1.04
C ARG A 23 -4.13 -17.68 -0.86
N LYS A 24 -4.51 -18.37 -1.92
CA LYS A 24 -5.57 -19.37 -1.86
C LYS A 24 -4.99 -20.72 -2.28
N ARG A 25 -5.25 -21.75 -1.48
CA ARG A 25 -4.85 -23.10 -1.83
C ARG A 25 -5.96 -23.76 -2.62
N ILE A 26 -5.59 -24.40 -3.73
CA ILE A 26 -6.50 -25.07 -4.63
C ILE A 26 -6.12 -26.55 -4.65
N SER A 27 -7.11 -27.41 -4.40
CA SER A 27 -6.90 -28.83 -4.14
C SER A 27 -8.18 -29.57 -4.47
N ASN A 28 -8.02 -30.84 -4.87
CA ASN A 28 -9.11 -31.78 -5.12
C ASN A 28 -10.14 -31.20 -6.09
N CYS A 29 -9.69 -30.92 -7.31
CA CYS A 29 -10.59 -30.37 -8.31
C CYS A 29 -9.95 -30.50 -9.69
N VAL A 30 -10.79 -30.36 -10.71
CA VAL A 30 -10.34 -30.41 -12.10
C VAL A 30 -10.06 -28.99 -12.56
N ALA A 31 -8.83 -28.74 -13.00
CA ALA A 31 -8.41 -27.42 -13.42
C ALA A 31 -8.40 -27.35 -14.95
N ASP A 32 -9.03 -26.31 -15.50
CA ASP A 32 -8.94 -26.00 -16.92
C ASP A 32 -8.09 -24.75 -17.06
N TYR A 33 -6.83 -24.93 -17.44
CA TYR A 33 -5.94 -23.79 -17.60
C TYR A 33 -6.07 -23.15 -18.97
N SER A 34 -6.38 -23.95 -19.99
CA SER A 34 -6.50 -23.44 -21.36
C SER A 34 -7.54 -22.34 -21.45
N VAL A 35 -8.67 -22.50 -20.76
CA VAL A 35 -9.70 -21.46 -20.82
C VAL A 35 -9.20 -20.16 -20.21
N LEU A 36 -8.23 -20.23 -19.29
CA LEU A 36 -7.59 -18.99 -18.84
C LEU A 36 -6.61 -18.49 -19.89
N TYR A 37 -5.73 -19.37 -20.37
CA TYR A 37 -4.66 -18.97 -21.27
C TYR A 37 -5.21 -18.42 -22.58
N ASN A 38 -6.27 -19.04 -23.10
CA ASN A 38 -6.83 -18.67 -24.39
C ASN A 38 -8.01 -17.71 -24.29
N SER A 39 -8.15 -17.00 -23.17
CA SER A 39 -9.34 -16.18 -22.96
C SER A 39 -9.25 -14.81 -23.63
N ALA A 40 -8.04 -14.35 -23.98
CA ALA A 40 -7.79 -12.99 -24.47
C ALA A 40 -8.16 -11.94 -23.44
N SER A 41 -8.14 -12.31 -22.16
CA SER A 41 -8.45 -11.40 -21.08
C SER A 41 -7.21 -10.88 -20.36
N PHE A 42 -6.03 -11.42 -20.66
CA PHE A 42 -4.83 -11.16 -19.89
C PHE A 42 -3.77 -10.50 -20.75
N SER A 43 -3.05 -9.56 -20.17
CA SER A 43 -1.93 -8.95 -20.87
C SER A 43 -0.62 -9.69 -20.61
N THR A 44 -0.51 -10.39 -19.48
CA THR A 44 0.62 -11.27 -19.23
C THR A 44 0.10 -12.64 -18.83
N PHE A 45 0.69 -13.69 -19.40
CA PHE A 45 0.36 -15.06 -19.00
C PHE A 45 1.58 -15.92 -19.36
N LYS A 46 2.50 -16.04 -18.41
CA LYS A 46 3.76 -16.69 -18.70
C LYS A 46 4.08 -17.71 -17.62
N CYS A 47 4.69 -18.81 -18.02
CA CYS A 47 5.01 -19.86 -17.07
C CYS A 47 6.50 -20.18 -17.08
N TYR A 48 6.96 -20.64 -15.93
CA TYR A 48 8.32 -21.07 -15.67
C TYR A 48 8.29 -22.54 -15.27
N GLY A 49 9.05 -23.36 -15.99
CA GLY A 49 9.12 -24.77 -15.74
C GLY A 49 8.01 -25.59 -16.35
N VAL A 50 7.01 -24.95 -16.96
CA VAL A 50 5.91 -25.63 -17.62
C VAL A 50 5.52 -24.82 -18.84
N SER A 51 4.92 -25.49 -19.83
CA SER A 51 4.40 -24.71 -20.95
C SER A 51 2.93 -24.39 -20.73
N PRO A 52 2.49 -23.19 -21.13
CA PRO A 52 1.08 -22.82 -20.93
C PRO A 52 0.11 -23.70 -21.70
N THR A 53 0.49 -24.17 -22.89
CA THR A 53 -0.40 -25.02 -23.68
C THR A 53 -0.46 -26.45 -23.17
N LYS A 54 0.44 -26.85 -22.27
CA LYS A 54 0.49 -28.20 -21.76
C LYS A 54 -0.06 -28.32 -20.34
N LEU A 55 -0.51 -27.22 -19.75
CA LEU A 55 -0.97 -27.26 -18.36
C LEU A 55 -2.14 -28.21 -18.19
N ASN A 56 -3.02 -28.33 -19.19
CA ASN A 56 -4.15 -29.22 -19.05
C ASN A 56 -3.75 -30.69 -18.98
N ASP A 57 -2.51 -31.03 -19.36
CA ASP A 57 -2.05 -32.41 -19.30
C ASP A 57 -1.31 -32.75 -18.02
N LEU A 58 -1.21 -31.80 -17.10
CA LEU A 58 -0.38 -31.96 -15.91
C LEU A 58 -1.22 -32.19 -14.68
N CYS A 59 -0.66 -32.94 -13.74
CA CYS A 59 -1.25 -33.18 -12.43
C CYS A 59 -0.33 -32.64 -11.37
N PHE A 60 -0.90 -32.04 -10.32
CA PHE A 60 -0.10 -31.44 -9.27
C PHE A 60 -0.63 -31.86 -7.90
N THR A 61 0.28 -31.91 -6.93
CA THR A 61 -0.14 -32.18 -5.55
C THR A 61 -1.02 -31.05 -5.05
N ASN A 62 -0.56 -29.81 -5.18
CA ASN A 62 -1.38 -28.66 -4.82
C ASN A 62 -1.09 -27.51 -5.76
N VAL A 63 -2.05 -26.59 -5.85
CA VAL A 63 -1.85 -25.34 -6.55
C VAL A 63 -2.07 -24.21 -5.55
N TYR A 64 -1.23 -23.19 -5.62
CA TYR A 64 -1.42 -21.99 -4.83
C TYR A 64 -1.64 -20.83 -5.78
N ALA A 65 -2.63 -20.00 -5.48
CA ALA A 65 -2.92 -18.81 -6.26
C ALA A 65 -2.67 -17.61 -5.36
N ASP A 66 -1.62 -16.86 -5.64
CA ASP A 66 -1.32 -15.63 -4.96
C ASP A 66 -1.86 -14.47 -5.79
N SER A 67 -2.50 -13.51 -5.15
CA SER A 67 -3.10 -12.43 -5.92
C SER A 67 -2.88 -11.11 -5.19
N PHE A 68 -2.71 -10.07 -6.01
CA PHE A 68 -2.43 -8.74 -5.48
C PHE A 68 -2.54 -7.73 -6.62
N VAL A 69 -2.30 -6.47 -6.29
CA VAL A 69 -2.36 -5.35 -7.23
C VAL A 69 -1.05 -4.61 -7.19
N ILE A 70 -0.48 -4.34 -8.37
CA ILE A 70 0.72 -3.52 -8.51
C ILE A 70 0.51 -2.61 -9.72
N ARG A 71 1.48 -1.76 -10.00
CA ARG A 71 1.35 -0.98 -11.22
C ARG A 71 1.97 -1.73 -12.40
N GLY A 72 1.56 -1.34 -13.61
CA GLY A 72 1.91 -2.11 -14.80
C GLY A 72 3.41 -2.28 -14.98
N ASP A 73 4.16 -1.19 -14.83
CA ASP A 73 5.61 -1.27 -15.02
C ASP A 73 6.32 -2.01 -13.89
N GLU A 74 5.58 -2.53 -12.91
CA GLU A 74 6.14 -3.42 -11.91
C GLU A 74 5.83 -4.88 -12.16
N VAL A 75 4.99 -5.19 -13.16
CA VAL A 75 4.68 -6.56 -13.49
C VAL A 75 5.97 -7.34 -13.78
N ARG A 76 6.94 -6.68 -14.41
CA ARG A 76 8.19 -7.35 -14.75
C ARG A 76 8.94 -7.84 -13.52
N GLN A 77 8.65 -7.31 -12.32
CA GLN A 77 9.30 -7.79 -11.11
C GLN A 77 8.70 -9.09 -10.58
N ILE A 78 7.56 -9.53 -11.11
CA ILE A 78 6.99 -10.79 -10.68
C ILE A 78 7.53 -11.90 -11.58
N ALA A 79 8.80 -12.23 -11.37
CA ALA A 79 9.52 -13.23 -12.13
C ALA A 79 10.77 -13.61 -11.34
N PRO A 80 11.23 -14.85 -11.43
CA PRO A 80 12.46 -15.21 -10.70
C PRO A 80 13.62 -14.35 -11.14
N GLY A 81 14.55 -14.11 -10.21
CA GLY A 81 15.74 -13.34 -10.52
C GLY A 81 15.56 -11.84 -10.60
N GLN A 82 14.36 -11.32 -10.37
CA GLN A 82 14.13 -9.89 -10.49
C GLN A 82 14.36 -9.20 -9.15
N THR A 83 14.75 -7.93 -9.23
CA THR A 83 14.92 -7.09 -8.06
C THR A 83 14.16 -5.79 -8.28
N GLY A 84 13.95 -5.06 -7.19
CA GLY A 84 13.13 -3.86 -7.20
C GLY A 84 12.29 -3.84 -5.93
N LYS A 85 11.60 -2.73 -5.68
CA LYS A 85 10.89 -2.59 -4.42
C LYS A 85 9.86 -3.72 -4.24
N ILE A 86 9.18 -4.11 -5.32
CA ILE A 86 8.17 -5.16 -5.22
C ILE A 86 8.81 -6.50 -4.91
N ALA A 87 9.82 -6.91 -5.70
CA ALA A 87 10.45 -8.20 -5.45
C ALA A 87 11.20 -8.20 -4.12
N ASP A 88 11.92 -7.12 -3.81
CA ASP A 88 12.73 -7.09 -2.60
C ASP A 88 11.87 -7.14 -1.34
N TYR A 89 10.80 -6.33 -1.30
CA TYR A 89 10.13 -6.03 -0.03
C TYR A 89 8.68 -6.47 0.05
N ASN A 90 8.10 -7.00 -1.03
CA ASN A 90 6.65 -7.21 -1.08
C ASN A 90 6.29 -8.62 -1.49
N TYR A 91 6.83 -9.11 -2.61
CA TYR A 91 6.46 -10.44 -3.07
C TYR A 91 7.60 -10.97 -3.91
N LYS A 92 8.22 -12.06 -3.45
CA LYS A 92 9.44 -12.59 -4.01
C LYS A 92 9.21 -13.99 -4.56
N LEU A 93 9.50 -14.18 -5.85
CA LEU A 93 9.47 -15.52 -6.44
C LEU A 93 10.86 -16.16 -6.36
N PRO A 94 10.94 -17.46 -6.10
CA PRO A 94 12.25 -18.12 -6.00
C PRO A 94 12.91 -18.21 -7.36
N ASP A 95 14.20 -18.50 -7.35
CA ASP A 95 14.92 -18.66 -8.60
C ASP A 95 14.45 -19.90 -9.36
N ASP A 96 14.10 -20.96 -8.65
CA ASP A 96 13.61 -22.21 -9.24
C ASP A 96 12.09 -22.27 -9.29
N PHE A 97 11.44 -21.14 -9.58
CA PHE A 97 9.98 -21.09 -9.62
C PHE A 97 9.41 -22.00 -10.69
N THR A 98 8.39 -22.78 -10.32
CA THR A 98 7.54 -23.49 -11.27
C THR A 98 6.13 -22.97 -11.11
N GLY A 99 5.61 -22.32 -12.15
CA GLY A 99 4.27 -21.78 -12.08
C GLY A 99 4.06 -20.75 -13.16
N CYS A 100 2.99 -19.97 -12.97
CA CYS A 100 2.65 -18.96 -13.96
C CYS A 100 2.41 -17.62 -13.29
N VAL A 101 2.81 -16.57 -13.98
CA VAL A 101 2.48 -15.21 -13.62
C VAL A 101 1.46 -14.72 -14.62
N ILE A 102 0.32 -14.25 -14.11
CA ILE A 102 -0.82 -13.83 -14.91
C ILE A 102 -1.18 -12.42 -14.46
N ALA A 103 -1.31 -11.51 -15.41
CA ALA A 103 -1.57 -10.13 -15.06
C ALA A 103 -2.51 -9.52 -16.07
N TRP A 104 -3.37 -8.62 -15.57
CA TRP A 104 -4.21 -7.84 -16.47
C TRP A 104 -4.47 -6.45 -15.90
N ASN A 105 -4.55 -5.50 -16.82
CA ASN A 105 -4.89 -4.13 -16.50
C ASN A 105 -6.27 -4.07 -15.87
N SER A 106 -6.35 -3.47 -14.68
CA SER A 106 -7.60 -3.38 -13.94
C SER A 106 -8.01 -1.92 -13.74
N ASN A 107 -7.54 -1.04 -14.62
CA ASN A 107 -7.88 0.38 -14.53
C ASN A 107 -9.37 0.60 -14.54
N ASN A 108 -10.10 -0.16 -15.36
CA ASN A 108 -11.54 0.01 -15.44
C ASN A 108 -12.25 -0.38 -14.15
N LEU A 109 -11.59 -1.11 -13.26
CA LEU A 109 -12.19 -1.54 -12.00
C LEU A 109 -11.51 -0.99 -10.75
N ASP A 110 -10.24 -0.60 -10.84
CA ASP A 110 -9.48 -0.13 -9.68
C ASP A 110 -9.15 1.35 -9.74
N SER A 111 -9.63 2.07 -10.75
CA SER A 111 -9.45 3.52 -10.78
C SER A 111 -10.71 4.22 -10.29
N LYS A 112 -10.52 5.31 -9.57
CA LYS A 112 -11.58 6.16 -9.09
C LYS A 112 -11.38 7.54 -9.67
N VAL A 113 -12.48 8.21 -9.98
CA VAL A 113 -12.40 9.64 -10.22
C VAL A 113 -11.90 10.30 -8.94
N GLY A 114 -10.77 10.99 -9.05
CA GLY A 114 -10.13 11.61 -7.89
C GLY A 114 -8.98 10.82 -7.33
N GLY A 115 -8.85 9.57 -7.71
CA GLY A 115 -7.71 8.77 -7.31
C GLY A 115 -8.12 7.63 -6.39
N ASN A 116 -7.55 6.46 -6.61
CA ASN A 116 -7.67 5.33 -5.70
C ASN A 116 -6.33 5.15 -5.03
N TYR A 117 -6.31 5.32 -3.70
CA TYR A 117 -5.09 5.19 -2.91
C TYR A 117 -5.18 4.03 -1.92
N ASN A 118 -6.10 3.08 -2.18
CA ASN A 118 -6.28 1.97 -1.24
C ASN A 118 -5.14 0.97 -1.29
N TYR A 119 -4.49 0.80 -2.45
CA TYR A 119 -3.47 -0.22 -2.61
C TYR A 119 -2.12 0.29 -2.12
N LEU A 120 -1.47 -0.51 -1.31
CA LEU A 120 -0.23 -0.12 -0.65
C LEU A 120 0.88 -1.07 -1.04
N TYR A 121 2.11 -0.58 -0.97
CA TYR A 121 3.26 -1.45 -1.09
C TYR A 121 4.27 -1.06 -0.02
N ARG A 122 5.07 -2.02 0.43
CA ARG A 122 6.10 -1.73 1.40
C ARG A 122 7.27 -1.04 0.72
N LEU A 123 7.64 0.12 1.25
CA LEU A 123 8.70 0.93 0.68
C LEU A 123 10.04 0.72 1.37
N PHE A 124 10.04 0.36 2.65
CA PHE A 124 11.26 0.17 3.43
C PHE A 124 11.24 -1.18 4.12
N ARG A 125 12.39 -1.85 4.15
CA ARG A 125 12.54 -3.07 4.93
C ARG A 125 14.01 -3.27 5.25
N LYS A 126 14.27 -3.92 6.39
CA LYS A 126 15.66 -4.07 6.82
C LYS A 126 16.42 -5.02 5.89
N SER A 127 15.75 -6.05 5.40
CA SER A 127 16.38 -7.00 4.48
C SER A 127 15.35 -7.41 3.45
N ASN A 128 15.82 -8.17 2.45
CA ASN A 128 14.94 -8.64 1.38
C ASN A 128 14.07 -9.79 1.86
N LEU A 129 12.89 -9.89 1.27
CA LEU A 129 12.02 -11.04 1.51
C LEU A 129 12.65 -12.31 0.97
N LYS A 130 12.53 -13.40 1.73
CA LYS A 130 12.82 -14.71 1.19
C LYS A 130 11.69 -15.10 0.24
N PRO A 131 11.90 -16.09 -0.62
CA PRO A 131 10.83 -16.52 -1.52
C PRO A 131 9.54 -16.83 -0.76
N PHE A 132 8.42 -16.34 -1.29
CA PHE A 132 7.07 -16.56 -0.76
C PHE A 132 6.91 -16.09 0.69
N GLU A 133 7.76 -15.18 1.15
CA GLU A 133 7.58 -14.60 2.47
C GLU A 133 6.60 -13.44 2.40
N ARG A 134 5.83 -13.26 3.47
CA ARG A 134 4.84 -12.20 3.57
C ARG A 134 5.13 -11.37 4.80
N ASP A 135 5.31 -10.07 4.61
CA ASP A 135 5.54 -9.14 5.71
C ASP A 135 4.37 -8.17 5.75
N ILE A 136 3.50 -8.30 6.76
CA ILE A 136 2.35 -7.43 6.91
C ILE A 136 2.48 -6.51 8.10
N SER A 137 3.64 -6.48 8.76
CA SER A 137 3.83 -5.57 9.88
C SER A 137 3.74 -4.13 9.39
N THR A 138 3.44 -3.24 10.32
CA THR A 138 3.26 -1.83 10.04
C THR A 138 4.00 -0.99 11.06
N GLU A 139 5.18 -1.45 11.47
CA GLU A 139 5.97 -0.71 12.44
C GLU A 139 6.72 0.43 11.75
N ILE A 140 7.00 1.49 12.52
CA ILE A 140 7.83 2.56 11.98
C ILE A 140 9.21 2.00 11.68
N TYR A 141 9.69 2.27 10.46
CA TYR A 141 10.97 1.73 10.02
C TYR A 141 12.12 2.57 10.52
N GLN A 142 13.04 1.93 11.23
CA GLN A 142 14.24 2.58 11.77
C GLN A 142 15.31 2.59 10.69
N ALA A 143 15.51 3.75 10.05
CA ALA A 143 16.49 3.83 8.97
C ALA A 143 17.90 4.05 9.50
N GLY A 144 18.02 4.70 10.66
CA GLY A 144 19.30 4.95 11.30
C GLY A 144 19.56 3.98 12.44
N SER A 145 20.23 4.48 13.46
CA SER A 145 20.63 3.65 14.63
C SER A 145 19.84 4.02 15.89
N THR A 146 19.20 5.17 15.88
CA THR A 146 18.38 5.54 17.02
C THR A 146 17.01 4.90 16.88
N PRO A 147 16.51 4.23 17.92
CA PRO A 147 15.19 3.58 17.81
C PRO A 147 14.09 4.61 17.62
N CYS A 148 12.99 4.18 17.01
CA CYS A 148 11.92 5.10 16.65
C CYS A 148 10.87 5.26 17.75
N ASN A 149 10.57 4.21 18.50
CA ASN A 149 9.62 4.26 19.61
C ASN A 149 8.22 4.64 19.12
N GLY A 150 7.79 3.99 18.04
CA GLY A 150 6.46 4.21 17.51
C GLY A 150 6.22 5.59 16.97
N VAL A 151 7.26 6.36 16.73
CA VAL A 151 7.15 7.78 16.44
C VAL A 151 7.90 8.07 15.14
N GLU A 152 7.25 8.79 14.22
CA GLU A 152 7.95 9.25 13.03
C GLU A 152 8.92 10.37 13.40
N GLY A 153 9.84 10.65 12.49
CA GLY A 153 10.85 11.66 12.74
C GLY A 153 12.05 11.41 11.86
N PHE A 154 13.18 11.98 12.29
CA PHE A 154 14.43 11.79 11.58
C PHE A 154 14.81 10.31 11.58
N ASN A 155 15.03 9.77 10.38
CA ASN A 155 15.41 8.37 10.15
C ASN A 155 14.31 7.39 10.54
N CYS A 156 13.08 7.87 10.71
CA CYS A 156 11.98 7.05 11.20
C CYS A 156 10.79 7.25 10.26
N TYR A 157 10.46 6.23 9.49
CA TYR A 157 9.49 6.37 8.41
C TYR A 157 8.36 5.37 8.56
N PHE A 158 7.18 5.78 8.14
CA PHE A 158 6.13 4.81 7.93
C PHE A 158 6.48 3.98 6.70
N PRO A 159 6.40 2.65 6.76
CA PRO A 159 7.00 1.81 5.72
C PRO A 159 6.10 1.54 4.53
N LEU A 160 4.81 1.81 4.62
CA LEU A 160 3.91 1.54 3.52
C LEU A 160 3.66 2.82 2.73
N GLN A 161 3.46 2.66 1.43
CA GLN A 161 3.19 3.78 0.55
C GLN A 161 1.99 3.45 -0.32
N SER A 162 1.09 4.41 -0.48
CA SER A 162 -0.01 4.27 -1.40
C SER A 162 0.44 4.41 -2.85
N TYR A 163 -0.05 3.51 -3.70
CA TYR A 163 -0.12 3.81 -5.12
C TYR A 163 -1.17 4.89 -5.36
N GLY A 164 -0.85 5.84 -6.23
CA GLY A 164 -1.80 6.88 -6.57
C GLY A 164 -2.44 6.62 -7.91
N PHE A 165 -3.48 5.79 -7.91
CA PHE A 165 -4.09 5.31 -9.15
C PHE A 165 -5.15 6.30 -9.63
N GLN A 166 -4.70 7.33 -10.32
CA GLN A 166 -5.65 8.19 -11.01
C GLN A 166 -6.02 7.56 -12.35
N PRO A 167 -7.26 7.72 -12.83
CA PRO A 167 -7.62 7.06 -14.10
C PRO A 167 -6.86 7.64 -15.28
N THR A 168 -6.42 8.90 -15.18
CA THR A 168 -5.68 9.58 -16.23
C THR A 168 -4.19 9.24 -16.23
N ASN A 169 -3.74 8.34 -15.36
CA ASN A 169 -2.35 7.97 -15.31
C ASN A 169 -1.90 7.30 -16.61
N GLY A 170 -0.60 7.36 -16.86
CA GLY A 170 -0.02 6.57 -17.93
C GLY A 170 -0.08 5.09 -17.61
N VAL A 171 -0.06 4.27 -18.68
CA VAL A 171 -0.33 2.85 -18.52
C VAL A 171 0.67 2.18 -17.59
N GLY A 172 1.91 2.68 -17.54
CA GLY A 172 2.86 2.16 -16.58
C GLY A 172 2.43 2.35 -15.13
N TYR A 173 1.72 3.44 -14.84
CA TYR A 173 1.20 3.70 -13.50
C TYR A 173 -0.27 3.35 -13.39
N GLN A 174 -0.74 2.41 -14.16
CA GLN A 174 -2.11 1.96 -13.99
C GLN A 174 -2.14 0.69 -13.16
N PRO A 175 -3.26 0.40 -12.50
CA PRO A 175 -3.31 -0.80 -11.66
C PRO A 175 -3.46 -2.06 -12.49
N TYR A 176 -2.68 -3.06 -12.12
CA TYR A 176 -2.75 -4.39 -12.70
C TYR A 176 -3.01 -5.38 -11.58
N ARG A 177 -4.01 -6.22 -11.79
CA ARG A 177 -4.21 -7.37 -10.92
C ARG A 177 -3.33 -8.50 -11.38
N VAL A 178 -2.78 -9.22 -10.42
CA VAL A 178 -1.78 -10.26 -10.66
C VAL A 178 -2.19 -11.49 -9.88
N VAL A 179 -2.08 -12.65 -10.54
CA VAL A 179 -2.23 -13.95 -9.92
C VAL A 179 -1.00 -14.77 -10.28
N VAL A 180 -0.34 -15.30 -9.26
CA VAL A 180 0.80 -16.20 -9.41
C VAL A 180 0.32 -17.59 -9.04
N LEU A 181 0.31 -18.49 -10.02
CA LEU A 181 0.01 -19.89 -9.79
C LEU A 181 1.31 -20.61 -9.48
N SER A 182 1.37 -21.27 -8.33
CA SER A 182 2.48 -22.13 -7.94
C SER A 182 1.99 -23.56 -8.01
N PHE A 183 2.74 -24.40 -8.69
CA PHE A 183 2.40 -25.81 -8.83
C PHE A 183 3.38 -26.61 -8.00
N GLU A 184 2.88 -27.37 -7.03
CA GLU A 184 3.74 -28.29 -6.32
C GLU A 184 3.33 -29.72 -6.64
N LEU A 185 4.31 -30.54 -7.02
CA LEU A 185 4.17 -31.98 -7.04
C LEU A 185 5.13 -32.56 -6.01
N LEU A 186 4.57 -33.22 -5.00
CA LEU A 186 5.33 -34.01 -4.05
C LEU A 186 4.96 -35.47 -4.26
N HIS A 187 5.52 -36.34 -3.43
CA HIS A 187 5.23 -37.76 -3.54
C HIS A 187 3.96 -38.14 -2.78
N ALA A 188 2.90 -37.41 -3.09
CA ALA A 188 1.54 -37.64 -2.62
C ALA A 188 0.63 -37.80 -3.83
N PRO A 189 -0.55 -38.38 -3.66
CA PRO A 189 -1.48 -38.46 -4.79
C PRO A 189 -1.86 -37.08 -5.29
N ALA A 190 -1.95 -36.95 -6.61
CA ALA A 190 -2.24 -35.67 -7.23
C ALA A 190 -3.71 -35.31 -7.01
N THR A 191 -3.96 -34.11 -6.48
CA THR A 191 -5.32 -33.68 -6.21
C THR A 191 -5.85 -32.68 -7.24
N VAL A 192 -4.99 -32.00 -7.97
CA VAL A 192 -5.39 -31.02 -8.97
C VAL A 192 -4.89 -31.50 -10.32
N CYS A 193 -5.80 -31.91 -11.19
CA CYS A 193 -5.45 -32.39 -12.52
C CYS A 193 -6.28 -31.66 -13.57
N GLY A 194 -5.80 -31.73 -14.82
CA GLY A 194 -6.52 -31.22 -15.93
C GLY A 194 -7.69 -32.12 -16.31
N PRO A 195 -8.48 -31.68 -17.28
CA PRO A 195 -9.68 -32.43 -17.66
C PRO A 195 -9.35 -33.69 -18.47
N LYS A 196 -10.39 -34.47 -18.71
CA LYS A 196 -10.30 -35.75 -19.44
C LYS A 196 -9.33 -36.72 -18.75
N GLN B 1 -2.11 19.58 -9.10
CA GLN B 1 -3.37 18.88 -8.88
C GLN B 1 -3.54 18.53 -7.41
N VAL B 2 -2.46 18.12 -6.75
CA VAL B 2 -2.49 17.83 -5.32
C VAL B 2 -2.33 19.11 -4.53
N GLN B 3 -3.25 19.35 -3.60
CA GLN B 3 -3.23 20.60 -2.85
C GLN B 3 -3.76 20.36 -1.44
N LEU B 4 -3.07 20.96 -0.47
CA LEU B 4 -3.44 20.91 0.94
C LEU B 4 -3.70 22.33 1.43
N VAL B 5 -4.81 22.52 2.14
CA VAL B 5 -5.16 23.84 2.66
C VAL B 5 -5.46 23.68 4.15
N GLU B 6 -4.59 24.23 4.99
CA GLU B 6 -4.82 24.26 6.42
C GLU B 6 -5.70 25.46 6.78
N SER B 7 -6.65 25.22 7.68
CA SER B 7 -7.42 26.29 8.29
C SER B 7 -7.56 25.98 9.77
N GLY B 8 -8.08 26.95 10.51
CA GLY B 8 -8.08 26.89 11.96
C GLY B 8 -6.91 27.65 12.55
N GLY B 9 -6.81 27.58 13.86
CA GLY B 9 -5.71 28.19 14.58
C GLY B 9 -6.07 29.54 15.17
N GLY B 10 -5.02 30.32 15.45
CA GLY B 10 -5.19 31.61 16.05
C GLY B 10 -4.59 31.66 17.45
N LEU B 11 -5.14 32.49 18.32
CA LEU B 11 -4.58 32.71 19.64
C LEU B 11 -5.47 32.06 20.70
N VAL B 12 -4.83 31.42 21.67
CA VAL B 12 -5.55 30.77 22.76
C VAL B 12 -4.71 30.91 24.03
N GLN B 13 -5.39 30.94 25.18
CA GLN B 13 -4.68 30.94 26.45
C GLN B 13 -4.24 29.52 26.80
N ALA B 14 -3.20 29.43 27.62
CA ALA B 14 -2.73 28.13 28.10
C ALA B 14 -3.89 27.34 28.71
N GLY B 15 -4.00 26.08 28.31
CA GLY B 15 -5.08 25.22 28.76
C GLY B 15 -6.26 25.14 27.82
N GLY B 16 -6.33 26.03 26.82
CA GLY B 16 -7.43 26.01 25.87
C GLY B 16 -7.22 24.99 24.76
N SER B 17 -8.20 24.97 23.86
CA SER B 17 -8.25 23.97 22.80
C SER B 17 -8.50 24.64 21.46
N LEU B 18 -8.17 23.91 20.40
CA LEU B 18 -8.28 24.38 19.02
C LEU B 18 -8.50 23.16 18.12
N ARG B 19 -9.09 23.40 16.94
CA ARG B 19 -9.18 22.35 15.95
C ARG B 19 -8.64 22.88 14.62
N LEU B 20 -7.57 22.27 14.14
CA LEU B 20 -7.04 22.56 12.82
C LEU B 20 -7.65 21.62 11.79
N SER B 21 -7.89 22.14 10.60
CA SER B 21 -8.42 21.38 9.48
C SER B 21 -7.43 21.41 8.33
N CYS B 22 -7.42 20.34 7.56
CA CYS B 22 -6.61 20.23 6.36
C CYS B 22 -7.55 19.70 5.28
N ALA B 23 -7.98 20.59 4.39
CA ALA B 23 -8.80 20.22 3.25
C ALA B 23 -7.86 19.78 2.13
N ALA B 24 -8.16 18.64 1.54
CA ALA B 24 -7.34 18.04 0.50
C ALA B 24 -8.09 18.10 -0.82
N SER B 25 -7.42 18.56 -1.87
CA SER B 25 -7.96 18.47 -3.22
C SER B 25 -6.98 17.77 -4.13
N GLY B 26 -7.50 16.97 -5.04
CA GLY B 26 -6.69 16.21 -5.97
C GLY B 26 -6.41 14.79 -5.55
N PHE B 27 -6.71 14.42 -4.32
CA PHE B 27 -6.52 13.05 -3.86
C PHE B 27 -7.49 12.78 -2.73
N PRO B 28 -7.90 11.52 -2.52
CA PRO B 28 -8.79 11.21 -1.40
C PRO B 28 -8.03 11.21 -0.07
N VAL B 29 -8.71 11.68 0.96
CA VAL B 29 -8.11 11.72 2.28
C VAL B 29 -7.86 10.31 2.82
N TYR B 30 -8.65 9.33 2.39
CA TYR B 30 -8.39 7.94 2.78
C TYR B 30 -7.22 7.41 1.95
N ARG B 31 -6.05 7.33 2.58
CA ARG B 31 -4.83 6.94 1.90
C ARG B 31 -3.89 6.37 2.96
N ASP B 32 -2.69 5.98 2.51
CA ASP B 32 -1.69 5.41 3.38
C ASP B 32 -1.44 6.26 4.62
N ARG B 33 -1.19 7.55 4.43
CA ARG B 33 -0.68 8.35 5.53
C ARG B 33 -1.01 9.81 5.31
N MET B 34 -1.57 10.47 6.32
CA MET B 34 -1.67 11.92 6.35
C MET B 34 -1.11 12.42 7.67
N ALA B 35 -0.30 13.48 7.61
CA ALA B 35 0.47 13.88 8.77
C ALA B 35 0.29 15.36 9.07
N TRP B 36 0.48 15.70 10.33
CA TRP B 36 0.63 17.06 10.81
C TRP B 36 2.04 17.25 11.34
N TYR B 37 2.64 18.38 10.97
CA TYR B 37 3.93 18.86 11.43
C TYR B 37 3.75 20.26 12.02
N ARG B 38 4.77 20.72 12.73
CA ARG B 38 4.75 22.05 13.29
C ARG B 38 6.16 22.62 13.27
N GLN B 39 6.26 23.93 13.11
CA GLN B 39 7.54 24.63 13.09
C GLN B 39 7.42 25.81 14.03
N ALA B 40 8.13 25.74 15.14
CA ALA B 40 8.17 26.81 16.12
C ALA B 40 9.16 27.88 15.65
N PRO B 41 9.09 29.09 16.23
CA PRO B 41 10.04 30.14 15.85
C PRO B 41 11.49 29.68 15.99
N GLY B 42 12.26 29.85 14.91
CA GLY B 42 13.67 29.51 14.92
C GLY B 42 14.01 28.04 15.02
N LYS B 43 13.03 27.14 14.97
CA LYS B 43 13.26 25.71 15.18
C LYS B 43 13.03 24.94 13.89
N GLU B 44 13.40 23.66 13.93
CA GLU B 44 13.17 22.78 12.80
C GLU B 44 11.72 22.30 12.80
N ARG B 45 11.14 22.21 11.61
CA ARG B 45 9.83 21.62 11.46
C ARG B 45 9.85 20.18 11.98
N GLU B 46 8.89 19.84 12.83
CA GLU B 46 8.89 18.53 13.48
C GLU B 46 7.55 17.84 13.29
N TRP B 47 7.61 16.51 13.21
CA TRP B 47 6.41 15.69 13.09
C TRP B 47 5.60 15.74 14.37
N VAL B 48 4.28 15.91 14.22
CA VAL B 48 3.37 16.02 15.35
C VAL B 48 2.44 14.82 15.44
N ALA B 49 1.79 14.46 14.33
CA ALA B 49 0.80 13.39 14.40
C ALA B 49 0.56 12.84 13.01
N ALA B 50 0.04 11.62 12.95
CA ALA B 50 -0.29 11.05 11.65
C ALA B 50 -1.42 10.04 11.78
N ILE B 51 -2.20 9.93 10.70
CA ILE B 51 -3.26 8.95 10.59
C ILE B 51 -2.97 8.05 9.40
N TYR B 52 -3.17 6.75 9.60
CA TYR B 52 -2.72 5.72 8.67
C TYR B 52 -3.86 4.81 8.29
N SER B 53 -3.84 4.32 7.05
CA SER B 53 -4.85 3.38 6.62
C SER B 53 -4.55 1.94 7.01
N ALA B 54 -3.31 1.62 7.37
CA ALA B 54 -2.94 0.28 7.76
C ALA B 54 -2.20 0.31 9.09
N GLY B 55 -2.42 -0.72 9.90
CA GLY B 55 -1.75 -0.81 11.19
C GLY B 55 -2.45 0.07 12.23
N GLN B 56 -1.68 0.47 13.23
CA GLN B 56 -2.16 1.39 14.24
C GLN B 56 -2.65 2.67 13.55
N GLN B 57 -3.89 3.05 13.82
CA GLN B 57 -4.54 4.06 12.98
C GLN B 57 -3.92 5.43 13.19
N THR B 58 -3.54 5.77 14.42
CA THR B 58 -2.98 7.08 14.73
C THR B 58 -1.67 6.97 15.50
N ARG B 59 -0.78 7.92 15.27
CA ARG B 59 0.45 8.05 16.03
C ARG B 59 0.70 9.50 16.36
N TYR B 60 1.37 9.75 17.49
CA TYR B 60 1.57 11.11 17.99
C TYR B 60 2.98 11.27 18.54
N ALA B 61 3.55 12.45 18.32
CA ALA B 61 4.79 12.82 18.99
C ALA B 61 4.61 12.76 20.50
N ASP B 62 5.70 12.45 21.21
CA ASP B 62 5.63 12.31 22.66
C ASP B 62 5.07 13.55 23.34
N SER B 63 5.47 14.73 22.90
CA SER B 63 5.10 15.96 23.59
C SER B 63 3.61 16.28 23.47
N VAL B 64 2.87 15.62 22.57
CA VAL B 64 1.45 15.89 22.41
C VAL B 64 0.58 14.67 22.68
N LYS B 65 1.19 13.52 22.96
CA LYS B 65 0.43 12.33 23.32
C LYS B 65 -0.55 12.65 24.45
N GLY B 66 -1.80 12.22 24.26
CA GLY B 66 -2.83 12.44 25.25
C GLY B 66 -3.47 13.81 25.21
N ARG B 67 -2.97 14.72 24.38
CA ARG B 67 -3.53 16.06 24.26
C ARG B 67 -4.03 16.39 22.86
N PHE B 68 -3.54 15.71 21.82
CA PHE B 68 -3.97 15.90 20.45
C PHE B 68 -4.62 14.63 19.93
N THR B 69 -5.62 14.79 19.07
CA THR B 69 -6.24 13.65 18.40
C THR B 69 -6.43 13.99 16.94
N ILE B 70 -5.95 13.12 16.05
CA ILE B 70 -6.08 13.31 14.61
C ILE B 70 -7.23 12.44 14.11
N SER B 71 -7.93 12.91 13.08
CA SER B 71 -9.04 12.14 12.51
C SER B 71 -9.23 12.57 11.07
N ARG B 72 -10.08 11.82 10.35
CA ARG B 72 -10.38 12.16 8.96
C ARG B 72 -11.89 12.07 8.72
N ASP B 73 -12.37 12.96 7.84
CA ASP B 73 -13.72 12.94 7.31
C ASP B 73 -13.64 12.74 5.81
N ASN B 74 -14.17 11.62 5.33
CA ASN B 74 -14.10 11.29 3.91
C ASN B 74 -15.12 12.06 3.10
N ALA B 75 -16.34 12.24 3.63
CA ALA B 75 -17.36 12.99 2.91
C ALA B 75 -16.92 14.42 2.62
N LYS B 76 -16.07 14.99 3.46
CA LYS B 76 -15.55 16.33 3.26
C LYS B 76 -14.09 16.36 2.85
N ASN B 77 -13.46 15.20 2.68
CA ASN B 77 -12.07 15.08 2.22
C ASN B 77 -11.15 15.95 3.08
N THR B 78 -11.27 15.79 4.39
CA THR B 78 -10.56 16.65 5.32
C THR B 78 -9.94 15.80 6.43
N VAL B 79 -8.83 16.28 6.95
CA VAL B 79 -8.21 15.70 8.14
C VAL B 79 -8.16 16.76 9.21
N TYR B 80 -8.46 16.37 10.47
CA TYR B 80 -8.52 17.31 11.57
C TYR B 80 -7.50 16.93 12.63
N LEU B 81 -6.97 17.97 13.28
CA LEU B 81 -6.15 17.85 14.48
C LEU B 81 -6.86 18.61 15.60
N GLN B 82 -7.40 17.87 16.56
CA GLN B 82 -7.97 18.47 17.75
C GLN B 82 -6.88 18.59 18.80
N MET B 83 -6.69 19.80 19.32
CA MET B 83 -5.61 20.13 20.24
C MET B 83 -6.21 20.58 21.57
N ASN B 84 -6.01 19.78 22.61
CA ASN B 84 -6.50 20.06 23.94
C ASN B 84 -5.33 20.37 24.87
N SER B 85 -5.65 21.03 25.99
CA SER B 85 -4.68 21.35 27.03
C SER B 85 -3.43 22.01 26.44
N LEU B 86 -3.65 23.01 25.59
CA LEU B 86 -2.55 23.63 24.89
C LEU B 86 -1.60 24.31 25.87
N LYS B 87 -0.34 24.37 25.49
CA LYS B 87 0.72 24.93 26.32
C LYS B 87 1.54 25.86 25.46
N PRO B 88 2.24 26.84 26.07
CA PRO B 88 2.99 27.80 25.26
C PRO B 88 3.97 27.16 24.31
N GLU B 89 4.57 26.02 24.70
CA GLU B 89 5.49 25.31 23.81
C GLU B 89 4.81 24.82 22.53
N ASP B 90 3.49 24.76 22.51
CA ASP B 90 2.76 24.35 21.31
C ASP B 90 2.65 25.47 20.28
N THR B 91 3.19 26.65 20.57
CA THR B 91 3.14 27.77 19.64
C THR B 91 4.00 27.46 18.42
N ALA B 92 3.41 27.53 17.23
CA ALA B 92 4.13 27.18 16.01
C ALA B 92 3.20 27.42 14.83
N VAL B 93 3.77 27.34 13.64
CA VAL B 93 2.98 27.19 12.42
C VAL B 93 2.80 25.70 12.18
N TYR B 94 1.56 25.27 11.95
CA TYR B 94 1.23 23.87 11.73
C TYR B 94 0.96 23.63 10.26
N TYR B 95 1.44 22.49 9.76
CA TYR B 95 1.33 22.10 8.36
C TYR B 95 0.75 20.69 8.28
N CYS B 96 -0.11 20.45 7.29
CA CYS B 96 -0.35 19.06 6.96
C CYS B 96 0.55 18.64 5.81
N ASN B 97 0.73 17.33 5.71
CA ASN B 97 1.78 16.76 4.88
C ASN B 97 1.32 15.42 4.33
N VAL B 98 1.61 15.21 3.05
CA VAL B 98 1.52 13.87 2.45
C VAL B 98 2.78 13.62 1.62
N LYS B 99 3.10 12.35 1.43
CA LYS B 99 4.22 11.92 0.60
C LYS B 99 3.67 11.09 -0.54
N ASP B 100 3.85 11.57 -1.77
CA ASP B 100 3.32 10.92 -2.96
C ASP B 100 4.45 10.34 -3.79
N VAL B 101 4.12 9.30 -4.56
CA VAL B 101 5.04 8.68 -5.50
C VAL B 101 4.53 8.92 -6.93
N GLY B 102 5.45 9.18 -7.86
CA GLY B 102 5.11 9.55 -9.20
C GLY B 102 5.42 8.46 -10.22
N HIS B 103 5.33 8.84 -11.50
CA HIS B 103 5.51 7.88 -12.60
C HIS B 103 6.92 7.33 -12.63
N HIS B 104 7.94 8.17 -12.45
CA HIS B 104 9.33 7.74 -12.42
C HIS B 104 9.83 7.51 -10.99
N TYR B 105 8.94 7.04 -10.11
CA TYR B 105 9.28 6.68 -8.74
C TYR B 105 9.95 7.84 -7.99
N GLU B 106 9.60 9.07 -8.33
CA GLU B 106 9.95 10.21 -7.51
C GLU B 106 9.08 10.23 -6.27
N TYR B 107 9.62 10.77 -5.18
CA TYR B 107 8.89 10.92 -3.92
C TYR B 107 8.81 12.40 -3.59
N TYR B 108 7.61 12.96 -3.67
CA TYR B 108 7.39 14.38 -3.45
C TYR B 108 6.66 14.59 -2.13
N ASP B 109 7.17 15.52 -1.33
CA ASP B 109 6.55 15.95 -0.09
C ASP B 109 5.61 17.12 -0.39
N TYR B 110 4.33 16.96 -0.06
CA TYR B 110 3.34 18.01 -0.22
C TYR B 110 3.01 18.61 1.13
N TRP B 111 3.05 19.94 1.19
CA TRP B 111 2.76 20.75 2.36
C TRP B 111 1.65 21.73 2.03
N GLY B 112 0.91 22.12 3.07
CA GLY B 112 0.07 23.28 2.97
C GLY B 112 0.85 24.55 3.29
N GLN B 113 0.15 25.68 3.25
CA GLN B 113 0.75 26.97 3.56
C GLN B 113 1.08 27.13 5.04
N GLY B 114 0.43 26.36 5.91
CA GLY B 114 0.57 26.48 7.36
C GLY B 114 -0.49 27.38 7.96
N THR B 115 -0.83 27.10 9.22
CA THR B 115 -1.67 27.97 10.04
C THR B 115 -0.97 28.29 11.34
N GLN B 116 -1.01 29.55 11.74
CA GLN B 116 -0.40 30.00 12.98
C GLN B 116 -1.23 29.57 14.16
N VAL B 117 -0.56 29.00 15.18
CA VAL B 117 -1.18 28.67 16.46
C VAL B 117 -0.32 29.31 17.55
N THR B 118 -0.94 30.19 18.34
CA THR B 118 -0.26 30.88 19.43
C THR B 118 -0.94 30.54 20.75
N VAL B 119 -0.15 30.14 21.73
CA VAL B 119 -0.66 29.80 23.05
C VAL B 119 0.06 30.70 24.04
N SER B 120 -0.67 31.59 24.69
CA SER B 120 -0.06 32.58 25.56
C SER B 120 0.04 32.07 26.97
N ALA B 121 1.18 32.34 27.61
CA ALA B 121 1.35 31.98 29.01
C ALA B 121 0.41 32.80 29.89
#